data_7NTI
#
_entry.id   7NTI
#
_cell.length_a   58.165
_cell.length_b   134.542
_cell.length_c   152.693
_cell.angle_alpha   90.000
_cell.angle_beta   90.000
_cell.angle_gamma   90.000
#
_symmetry.space_group_name_H-M   'I 2 2 2'
#
loop_
_entity.id
_entity.type
_entity.pdbx_description
1 polymer 'Mitogen-activated protein kinase 7,TGF-beta-activated kinase 1 and MAP3K7-binding protein 1'
2 non-polymer GLYCEROL
3 non-polymer 'DIMETHYL SULFOXIDE'
4 non-polymer ~{N}-[[2-[bis(fluoranyl)methoxy]phenyl]methyl]-~{N}-[2-(methylamino)-2-oxidanylidene-ethyl]-2-pyrrolidin-1-ylcarbonyl-1~{H}-imidazole-4-carboxamide
5 water water
#
_entity_poly.entity_id   1
_entity_poly.type   'polypeptide(L)'
_entity_poly.pdbx_seq_one_letter_code
;GSLHMIDYKEIEVEEVVGRGAFGVVCKAKWRAKDVAIKQIESESERKAFIVELRQLSRVNHPNIVKLYGACLNPVCLVME
YAEGGSLYNVLHGAEPLPYYTAAHAMSWCLQCSQGVAYLHSMQPKALIHRDLKPPNLLLVAGGTVLKICDFGTACDIQTH
MTNNKGSAAWMAPEVFEGSNYSEKCDVFSWGIILWEVITRRKPFDEIGGPAFRIMWAVHNGTRPPLIKNLPKPIESLMTR
CWSKDPSQRPSMEEIVKIMTHLMRYFPGADEPLQYPCQHSLPPGEDGRVEPYVDFAEFYRLWSVDHGEQSVVTAP
;
_entity_poly.pdbx_strand_id   A
#
# COMPACT_ATOMS: atom_id res chain seq x y z
N GLY A 1 15.20 4.29 -18.06
CA GLY A 1 14.41 3.02 -18.07
C GLY A 1 14.60 2.16 -19.31
N SER A 2 15.12 0.93 -19.12
CA SER A 2 15.44 0.00 -20.23
C SER A 2 14.78 -1.35 -20.00
N LEU A 3 13.65 -1.57 -20.66
CA LEU A 3 12.91 -2.83 -20.57
C LEU A 3 13.36 -3.79 -21.64
N HIS A 4 13.35 -5.08 -21.32
CA HIS A 4 13.64 -6.10 -22.30
C HIS A 4 12.38 -6.49 -23.05
N MET A 5 12.53 -6.59 -24.38
CA MET A 5 11.64 -7.40 -25.23
C MET A 5 11.82 -8.84 -24.79
N ILE A 6 10.73 -9.54 -24.53
CA ILE A 6 10.81 -10.91 -24.03
C ILE A 6 9.97 -11.82 -24.93
N ASP A 7 10.53 -12.99 -25.19
CA ASP A 7 9.89 -13.98 -26.04
C ASP A 7 9.06 -14.89 -25.14
N TYR A 8 7.74 -14.81 -25.30
CA TYR A 8 6.78 -15.61 -24.51
C TYR A 8 7.04 -17.12 -24.55
N LYS A 9 7.60 -17.60 -25.66
CA LYS A 9 7.85 -19.03 -25.82
C LYS A 9 8.97 -19.56 -24.93
N GLU A 10 9.78 -18.69 -24.32
CA GLU A 10 10.70 -19.12 -23.25
C GLU A 10 10.15 -18.82 -21.84
N ILE A 11 8.82 -18.68 -21.70
CA ILE A 11 8.18 -18.48 -20.40
C ILE A 11 7.42 -19.75 -20.07
N GLU A 12 7.67 -20.29 -18.89
CA GLU A 12 6.99 -21.47 -18.43
C GLU A 12 5.96 -21.00 -17.42
N VAL A 13 4.69 -20.91 -17.82
CA VAL A 13 3.63 -20.46 -16.93
C VAL A 13 3.25 -21.49 -15.89
N GLU A 14 2.98 -21.03 -14.68
CA GLU A 14 2.53 -21.88 -13.60
C GLU A 14 1.16 -21.42 -13.14
N GLU A 15 0.83 -21.69 -11.89
CA GLU A 15 -0.47 -21.34 -11.35
C GLU A 15 -0.79 -19.85 -11.22
N VAL A 16 -2.06 -19.52 -11.34
CA VAL A 16 -2.55 -18.17 -11.14
C VAL A 16 -2.36 -17.82 -9.66
N VAL A 17 -1.72 -16.69 -9.35
CA VAL A 17 -1.57 -16.21 -7.95
C VAL A 17 -2.67 -15.26 -7.54
N GLY A 18 -3.20 -14.48 -8.47
CA GLY A 18 -4.31 -13.58 -8.17
C GLY A 18 -4.53 -12.64 -9.31
N ARG A 19 -5.52 -11.77 -9.20
CA ARG A 19 -5.86 -10.80 -10.25
C ARG A 19 -5.79 -9.38 -9.72
N GLY A 20 -4.96 -8.54 -10.33
CA GLY A 20 -4.71 -7.19 -9.83
C GLY A 20 -5.89 -6.26 -10.01
N ALA A 21 -5.66 -4.96 -9.78
CA ALA A 21 -6.66 -3.91 -10.06
C ALA A 21 -7.20 -4.06 -11.50
N PHE A 22 -6.31 -4.37 -12.44
CA PHE A 22 -6.71 -4.99 -13.71
C PHE A 22 -5.91 -6.29 -13.92
N GLY A 23 -6.36 -7.06 -14.92
CA GLY A 23 -5.62 -8.20 -15.44
C GLY A 23 -5.70 -9.41 -14.56
N VAL A 24 -4.99 -10.45 -15.00
CA VAL A 24 -4.80 -11.69 -14.24
C VAL A 24 -3.29 -11.85 -14.10
N VAL A 25 -2.85 -12.42 -12.97
CA VAL A 25 -1.43 -12.56 -12.68
C VAL A 25 -1.12 -13.99 -12.34
N CYS A 26 -0.02 -14.49 -12.91
CA CYS A 26 0.36 -15.88 -12.78
C CYS A 26 1.80 -15.95 -12.42
N LYS A 27 2.15 -16.92 -11.59
CA LYS A 27 3.53 -17.26 -11.32
C LYS A 27 4.07 -17.94 -12.57
N ALA A 28 5.39 -17.87 -12.76
CA ALA A 28 6.03 -18.44 -13.94
C ALA A 28 7.55 -18.53 -13.79
N LYS A 29 8.15 -19.25 -14.73
CA LYS A 29 9.60 -19.32 -14.88
C LYS A 29 10.01 -18.65 -16.17
N TRP A 30 11.26 -18.20 -16.21
CA TRP A 30 11.83 -17.53 -17.37
C TRP A 30 13.33 -17.38 -17.14
N ARG A 31 14.15 -18.01 -17.99
CA ARG A 31 15.62 -18.10 -17.78
C ARG A 31 15.97 -18.80 -16.46
N ALA A 32 15.10 -19.70 -16.00
CA ALA A 32 15.24 -20.34 -14.69
C ALA A 32 15.06 -19.40 -13.48
N LYS A 33 14.48 -18.21 -13.66
CA LYS A 33 14.15 -17.28 -12.57
C LYS A 33 12.65 -17.29 -12.37
N ASP A 34 12.19 -17.29 -11.12
CA ASP A 34 10.75 -17.19 -10.84
C ASP A 34 10.29 -15.77 -11.12
N VAL A 35 9.16 -15.65 -11.81
CA VAL A 35 8.61 -14.35 -12.21
C VAL A 35 7.10 -14.37 -12.12
N ALA A 36 6.50 -13.20 -12.21
CA ALA A 36 5.09 -13.04 -12.30
C ALA A 36 4.80 -12.41 -13.66
N ILE A 37 3.79 -12.94 -14.35
CA ILE A 37 3.38 -12.45 -15.65
C ILE A 37 1.97 -11.93 -15.51
N LYS A 38 1.72 -10.79 -16.14
CA LYS A 38 0.42 -10.12 -16.08
C LYS A 38 -0.08 -9.98 -17.51
N GLN A 39 -1.24 -10.55 -17.79
CA GLN A 39 -1.80 -10.54 -19.13
C GLN A 39 -3.08 -9.74 -19.14
N ILE A 40 -3.32 -9.05 -20.24
CA ILE A 40 -4.61 -8.39 -20.46
C ILE A 40 -5.71 -9.45 -20.50
N GLU A 41 -6.79 -9.21 -19.76
CA GLU A 41 -7.89 -10.16 -19.69
C GLU A 41 -8.65 -10.15 -21.02
N SER A 42 -9.29 -9.03 -21.31
CA SER A 42 -10.30 -8.95 -22.38
C SER A 42 -10.03 -7.80 -23.37
N GLU A 43 -8.83 -7.23 -23.37
CA GLU A 43 -8.48 -6.03 -24.17
C GLU A 43 -9.27 -4.73 -23.85
N SER A 44 -10.31 -4.81 -23.02
CA SER A 44 -10.85 -3.61 -22.34
C SER A 44 -9.83 -3.04 -21.35
N GLU A 45 -8.83 -3.84 -21.00
CA GLU A 45 -7.67 -3.41 -20.20
C GLU A 45 -6.40 -3.20 -21.07
N ARG A 46 -6.54 -2.79 -22.32
CA ARG A 46 -5.38 -2.45 -23.17
C ARG A 46 -4.95 -0.98 -23.03
N LYS A 47 -5.87 -0.15 -22.52
CA LYS A 47 -5.52 1.16 -21.96
C LYS A 47 -4.65 0.94 -20.72
N ALA A 48 -5.23 0.26 -19.71
CA ALA A 48 -4.57 0.00 -18.40
C ALA A 48 -3.25 -0.80 -18.49
N PHE A 49 -3.06 -1.51 -19.60
CA PHE A 49 -1.81 -2.21 -19.87
C PHE A 49 -0.70 -1.28 -20.38
N ILE A 50 -1.01 -0.45 -21.38
CA ILE A 50 -0.01 0.47 -21.94
C ILE A 50 0.33 1.57 -20.94
N VAL A 51 -0.64 1.92 -20.09
CA VAL A 51 -0.43 2.79 -18.93
C VAL A 51 0.64 2.18 -18.01
N GLU A 52 0.30 1.09 -17.30
CA GLU A 52 1.21 0.46 -16.33
C GLU A 52 2.62 0.30 -16.91
N LEU A 53 2.70 -0.13 -18.17
CA LEU A 53 3.98 -0.36 -18.87
C LEU A 53 4.83 0.90 -19.08
N ARG A 54 4.19 1.98 -19.49
CA ARG A 54 4.90 3.21 -19.76
C ARG A 54 5.52 3.83 -18.51
N GLN A 55 4.73 3.90 -17.44
CA GLN A 55 5.23 4.42 -16.18
C GLN A 55 6.19 3.45 -15.47
N LEU A 56 5.85 2.15 -15.40
CA LEU A 56 6.76 1.20 -14.73
C LEU A 56 8.15 1.12 -15.40
N SER A 57 8.26 1.47 -16.68
CA SER A 57 9.55 1.51 -17.39
C SER A 57 10.52 2.52 -16.79
N ARG A 58 9.97 3.63 -16.32
CA ARG A 58 10.74 4.71 -15.73
C ARG A 58 11.27 4.37 -14.33
N VAL A 59 10.54 3.55 -13.57
CA VAL A 59 10.72 3.45 -12.12
C VAL A 59 11.70 2.37 -11.72
N ASN A 60 12.53 2.69 -10.76
CA ASN A 60 13.41 1.70 -10.19
C ASN A 60 13.63 2.02 -8.73
N HIS A 61 12.95 1.26 -7.87
CA HIS A 61 12.99 1.51 -6.43
C HIS A 61 12.76 0.22 -5.60
N PRO A 62 13.49 0.05 -4.49
CA PRO A 62 13.35 -1.15 -3.66
C PRO A 62 11.93 -1.50 -3.25
N ASN A 63 11.16 -0.48 -2.85
CA ASN A 63 9.76 -0.63 -2.47
C ASN A 63 8.71 -0.53 -3.56
N ILE A 64 9.10 -0.80 -4.80
CA ILE A 64 8.15 -0.88 -5.92
C ILE A 64 8.55 -2.13 -6.70
N VAL A 65 7.57 -2.93 -7.09
CA VAL A 65 7.83 -4.16 -7.84
C VAL A 65 8.59 -3.89 -9.16
N LYS A 66 9.74 -4.54 -9.33
CA LYS A 66 10.59 -4.36 -10.52
C LYS A 66 10.06 -5.10 -11.74
N LEU A 67 9.73 -4.34 -12.78
CA LEU A 67 9.40 -4.89 -14.09
C LEU A 67 10.67 -5.42 -14.82
N TYR A 68 10.68 -6.71 -15.21
CA TYR A 68 11.78 -7.29 -16.02
C TYR A 68 11.67 -7.04 -17.54
N GLY A 69 10.44 -6.94 -18.04
CA GLY A 69 10.21 -6.66 -19.45
C GLY A 69 8.77 -6.91 -19.85
N ALA A 70 8.56 -7.14 -21.15
CA ALA A 70 7.24 -7.51 -21.65
C ALA A 70 7.33 -8.41 -22.89
N CYS A 71 6.18 -8.96 -23.28
CA CYS A 71 6.04 -9.82 -24.44
C CYS A 71 5.08 -9.20 -25.42
N LEU A 72 5.33 -9.42 -26.70
CA LEU A 72 4.43 -8.98 -27.76
C LEU A 72 3.40 -10.06 -28.09
N ASN A 73 3.82 -11.33 -28.06
CA ASN A 73 2.95 -12.44 -28.46
C ASN A 73 2.77 -13.52 -27.37
N PRO A 74 1.68 -13.50 -26.60
CA PRO A 74 0.70 -12.41 -26.54
C PRO A 74 1.26 -11.24 -25.74
N VAL A 75 0.50 -10.15 -25.68
CA VAL A 75 0.96 -8.94 -25.02
C VAL A 75 0.79 -9.11 -23.50
N CYS A 76 1.92 -9.17 -22.78
CA CYS A 76 1.94 -9.40 -21.32
C CYS A 76 3.14 -8.75 -20.61
N LEU A 77 2.95 -8.34 -19.36
CA LEU A 77 4.04 -7.77 -18.52
C LEU A 77 4.74 -8.88 -17.75
N VAL A 78 6.02 -8.70 -17.48
CA VAL A 78 6.82 -9.66 -16.74
C VAL A 78 7.49 -8.94 -15.56
N MET A 79 7.13 -9.35 -14.35
CA MET A 79 7.53 -8.71 -13.10
C MET A 79 8.34 -9.68 -12.26
N GLU A 80 9.12 -9.16 -11.33
CA GLU A 80 9.71 -10.02 -10.30
C GLU A 80 8.59 -10.67 -9.47
N TYR A 81 8.84 -11.89 -9.03
CA TYR A 81 7.97 -12.59 -8.11
C TYR A 81 8.77 -12.86 -6.85
N ALA A 82 8.11 -12.88 -5.71
CA ALA A 82 8.71 -13.47 -4.53
C ALA A 82 7.63 -13.99 -3.63
N GLU A 83 7.97 -14.97 -2.80
CA GLU A 83 7.09 -15.49 -1.74
C GLU A 83 6.55 -14.36 -0.89
N GLY A 84 5.24 -14.34 -0.70
CA GLY A 84 4.60 -13.50 0.31
C GLY A 84 3.15 -13.35 -0.10
N GLY A 85 2.57 -12.19 0.13
CA GLY A 85 1.15 -11.95 -0.17
C GLY A 85 0.76 -10.50 0.04
N SER A 86 -0.47 -10.17 -0.29
CA SER A 86 -0.90 -8.81 -0.17
C SER A 86 -0.94 -8.39 1.31
N LEU A 87 -0.68 -7.12 1.54
CA LEU A 87 -0.89 -6.54 2.85
C LEU A 87 -2.32 -6.82 3.27
N TYR A 88 -3.23 -6.74 2.32
CA TYR A 88 -4.65 -6.97 2.64
C TYR A 88 -4.89 -8.35 3.30
N ASN A 89 -4.30 -9.37 2.71
CA ASN A 89 -4.47 -10.73 3.20
C ASN A 89 -3.85 -10.89 4.61
N VAL A 90 -2.62 -10.39 4.75
CA VAL A 90 -1.92 -10.36 6.01
C VAL A 90 -2.77 -9.71 7.11
N LEU A 91 -3.45 -8.62 6.81
CA LEU A 91 -4.22 -7.92 7.85
C LEU A 91 -5.56 -8.56 8.19
N HIS A 92 -6.24 -8.99 7.13
CA HIS A 92 -7.67 -9.33 7.17
C HIS A 92 -8.09 -10.66 6.53
N GLY A 93 -7.15 -11.40 5.96
CA GLY A 93 -7.46 -12.42 5.00
C GLY A 93 -7.66 -13.78 5.63
N ALA A 94 -7.18 -14.80 4.94
CA ALA A 94 -7.39 -16.17 5.34
C ALA A 94 -6.70 -16.49 6.65
N GLU A 95 -7.49 -16.87 7.65
CA GLU A 95 -7.00 -17.54 8.84
C GLU A 95 -6.04 -18.74 8.57
N PRO A 96 -5.19 -19.09 9.54
CA PRO A 96 -4.91 -18.27 10.75
C PRO A 96 -4.15 -16.96 10.39
N LEU A 97 -4.48 -15.84 11.02
CA LEU A 97 -3.74 -14.60 10.72
C LEU A 97 -2.38 -14.56 11.45
N PRO A 98 -1.35 -13.93 10.85
CA PRO A 98 -0.11 -13.73 11.60
C PRO A 98 -0.20 -12.58 12.60
N TYR A 99 0.50 -12.75 13.70
CA TYR A 99 0.70 -11.70 14.69
C TYR A 99 1.69 -10.71 14.07
N TYR A 100 1.47 -9.44 14.35
CA TYR A 100 2.45 -8.37 14.07
C TYR A 100 2.48 -7.28 15.13
N THR A 101 3.54 -6.48 15.08
CA THR A 101 3.77 -5.48 16.12
C THR A 101 3.65 -4.09 15.57
N ALA A 102 3.42 -3.14 16.46
CA ALA A 102 3.61 -1.72 16.16
C ALA A 102 4.81 -1.43 15.20
N ALA A 103 5.92 -2.11 15.41
CA ALA A 103 7.09 -1.85 14.61
C ALA A 103 6.84 -2.24 13.17
N HIS A 104 6.23 -3.41 13.00
CA HIS A 104 5.83 -3.91 11.68
C HIS A 104 4.93 -2.90 11.02
N ALA A 105 3.92 -2.45 11.77
CA ALA A 105 2.99 -1.48 11.28
C ALA A 105 3.63 -0.21 10.78
N MET A 106 4.46 0.41 11.64
CA MET A 106 5.11 1.67 11.31
C MET A 106 6.10 1.37 10.11
N SER A 107 6.85 0.33 10.21
CA SER A 107 7.82 -0.02 9.04
C SER A 107 7.07 -0.16 7.71
N TRP A 108 5.88 -0.76 7.73
CA TRP A 108 5.11 -0.92 6.48
C TRP A 108 4.71 0.44 5.85
N CYS A 109 4.19 1.32 6.67
CA CYS A 109 3.91 2.62 6.28
C CYS A 109 5.14 3.45 5.95
N LEU A 110 6.30 3.27 6.62
CA LEU A 110 7.44 4.06 6.23
C LEU A 110 7.81 3.58 4.79
N GLN A 111 7.78 2.27 4.60
CA GLN A 111 8.33 1.75 3.31
C GLN A 111 7.40 2.18 2.11
N CYS A 112 6.10 2.12 2.33
CA CYS A 112 5.14 2.68 1.40
C CYS A 112 5.43 4.16 1.13
N SER A 113 5.64 4.96 2.20
CA SER A 113 5.91 6.38 2.01
C SER A 113 7.19 6.59 1.22
N GLN A 114 8.22 5.84 1.53
CA GLN A 114 9.47 5.85 0.68
C GLN A 114 9.22 5.60 -0.84
N GLY A 115 8.40 4.60 -1.15
CA GLY A 115 8.13 4.21 -2.54
C GLY A 115 7.32 5.28 -3.24
N VAL A 116 6.32 5.85 -2.54
CA VAL A 116 5.54 6.88 -3.09
C VAL A 116 6.29 8.23 -3.22
N ALA A 117 7.09 8.60 -2.20
CA ALA A 117 7.98 9.76 -2.30
C ALA A 117 8.84 9.66 -3.57
N TYR A 118 9.31 8.48 -3.85
CA TYR A 118 10.12 8.32 -5.07
C TYR A 118 9.29 8.73 -6.29
N LEU A 119 8.08 8.20 -6.40
CA LEU A 119 7.14 8.48 -7.51
C LEU A 119 6.81 9.97 -7.65
N HIS A 120 6.49 10.60 -6.53
CA HIS A 120 6.22 12.01 -6.52
C HIS A 120 7.41 12.90 -6.91
N SER A 121 8.62 12.37 -6.89
CA SER A 121 9.79 13.15 -7.20
C SER A 121 10.20 12.94 -8.66
N MET A 122 9.46 12.15 -9.41
CA MET A 122 9.83 11.83 -10.79
C MET A 122 9.87 13.08 -11.66
N GLN A 123 10.83 13.12 -12.56
CA GLN A 123 11.00 14.25 -13.46
C GLN A 123 10.73 13.77 -14.89
N PRO A 124 10.06 14.57 -15.72
CA PRO A 124 9.67 15.96 -15.45
C PRO A 124 8.31 16.12 -14.77
N LYS A 125 7.51 15.06 -14.73
CA LYS A 125 6.23 15.11 -14.02
C LYS A 125 6.19 14.03 -12.96
N ALA A 126 5.55 14.37 -11.83
CA ALA A 126 5.31 13.43 -10.74
C ALA A 126 4.39 12.26 -11.19
N LEU A 127 4.76 11.03 -10.84
CA LEU A 127 3.83 9.91 -10.94
C LEU A 127 2.93 9.85 -9.69
N ILE A 128 1.63 9.88 -9.90
CA ILE A 128 0.65 9.78 -8.82
C ILE A 128 0.21 8.34 -8.94
N HIS A 129 0.27 7.59 -7.84
CA HIS A 129 -0.17 6.19 -7.86
C HIS A 129 -1.67 6.12 -8.02
N ARG A 130 -2.36 6.90 -7.18
CA ARG A 130 -3.80 7.06 -7.10
C ARG A 130 -4.68 5.85 -6.82
N ASP A 131 -4.11 4.64 -6.67
CA ASP A 131 -4.84 3.49 -6.10
C ASP A 131 -4.07 2.78 -4.95
N LEU A 132 -3.59 3.56 -3.98
CA LEU A 132 -2.90 3.02 -2.81
C LEU A 132 -3.88 2.45 -1.82
N LYS A 133 -3.72 1.17 -1.57
CA LYS A 133 -4.56 0.45 -0.62
C LYS A 133 -3.92 -0.89 -0.36
N PRO A 134 -4.25 -1.48 0.80
CA PRO A 134 -3.59 -2.69 1.17
C PRO A 134 -3.65 -3.83 0.10
N PRO A 135 -4.75 -3.96 -0.67
CA PRO A 135 -4.67 -5.00 -1.75
C PRO A 135 -3.63 -4.80 -2.82
N ASN A 136 -3.05 -3.59 -2.96
CA ASN A 136 -2.00 -3.32 -3.94
C ASN A 136 -0.60 -3.15 -3.37
N LEU A 137 -0.45 -3.54 -2.11
CA LEU A 137 0.83 -3.49 -1.45
C LEU A 137 1.18 -4.91 -1.07
N LEU A 138 2.29 -5.35 -1.62
CA LEU A 138 2.76 -6.68 -1.46
C LEU A 138 3.77 -6.76 -0.31
N LEU A 139 3.61 -7.74 0.56
CA LEU A 139 4.58 -8.03 1.60
C LEU A 139 5.40 -9.22 1.18
N VAL A 140 6.71 -9.10 1.33
CA VAL A 140 7.63 -10.15 0.98
C VAL A 140 8.63 -10.28 2.11
N ALA A 141 9.60 -11.17 1.94
CA ALA A 141 10.70 -11.42 2.85
C ALA A 141 10.23 -11.62 4.32
N GLY A 142 9.27 -12.52 4.48
CA GLY A 142 8.72 -12.91 5.77
C GLY A 142 7.75 -11.91 6.34
N GLY A 143 7.14 -11.11 5.46
CA GLY A 143 6.25 -10.02 5.83
C GLY A 143 6.93 -8.73 6.28
N THR A 144 8.23 -8.59 6.03
CA THR A 144 9.00 -7.43 6.49
C THR A 144 9.27 -6.34 5.47
N VAL A 145 9.25 -6.70 4.17
CA VAL A 145 9.51 -5.74 3.11
C VAL A 145 8.20 -5.53 2.37
N LEU A 146 7.84 -4.28 2.10
CA LEU A 146 6.61 -3.95 1.41
C LEU A 146 6.99 -3.43 0.05
N LYS A 147 6.28 -3.87 -1.00
CA LYS A 147 6.50 -3.36 -2.37
C LYS A 147 5.20 -2.90 -2.94
N ILE A 148 5.22 -1.72 -3.53
CA ILE A 148 4.03 -1.17 -4.15
C ILE A 148 3.80 -1.82 -5.51
N CYS A 149 2.54 -2.15 -5.80
CA CYS A 149 2.13 -2.69 -7.12
C CYS A 149 0.92 -1.95 -7.69
N ASP A 150 0.52 -2.37 -8.89
CA ASP A 150 -0.77 -2.01 -9.52
C ASP A 150 -0.83 -0.52 -9.82
N PHE A 151 -0.06 -0.16 -10.85
CA PHE A 151 -0.06 1.17 -11.45
C PHE A 151 -0.98 1.26 -12.68
N GLY A 152 -1.84 0.26 -12.91
CA GLY A 152 -2.75 0.27 -14.06
C GLY A 152 -3.65 1.50 -14.11
N THR A 153 -4.18 1.87 -12.94
CA THR A 153 -4.94 3.10 -12.74
C THR A 153 -4.28 4.36 -13.33
N ALA A 154 -2.95 4.44 -13.17
CA ALA A 154 -2.03 5.52 -13.58
C ALA A 154 -1.19 5.98 -12.37
N GLY A 166 -13.95 -0.60 -5.73
CA GLY A 166 -13.34 -1.20 -4.57
C GLY A 166 -12.53 -0.22 -3.71
N SER A 167 -12.06 0.88 -4.31
CA SER A 167 -11.13 1.77 -3.65
C SER A 167 -11.73 2.89 -2.82
N ALA A 168 -13.05 3.01 -2.74
CA ALA A 168 -13.69 4.17 -2.10
C ALA A 168 -13.11 4.52 -0.73
N ALA A 169 -12.78 3.47 0.01
CA ALA A 169 -12.36 3.61 1.42
C ALA A 169 -11.03 4.33 1.62
N TRP A 170 -10.17 4.24 0.60
CA TRP A 170 -8.83 4.81 0.60
C TRP A 170 -8.73 6.13 -0.18
N MET A 171 -9.84 6.55 -0.77
CA MET A 171 -9.76 7.51 -1.89
C MET A 171 -10.02 8.88 -1.33
N ALA A 172 -9.19 9.86 -1.71
CA ALA A 172 -9.38 11.27 -1.28
C ALA A 172 -10.67 11.86 -1.85
N PRO A 173 -11.42 12.63 -1.05
CA PRO A 173 -12.67 13.27 -1.52
C PRO A 173 -12.57 14.00 -2.87
N GLU A 174 -11.58 14.85 -3.02
CA GLU A 174 -11.44 15.56 -4.29
C GLU A 174 -11.34 14.67 -5.54
N VAL A 175 -10.85 13.43 -5.42
CA VAL A 175 -10.67 12.56 -6.61
C VAL A 175 -12.06 12.11 -7.12
N PHE A 176 -12.91 11.62 -6.22
CA PHE A 176 -14.29 11.23 -6.59
C PHE A 176 -15.28 12.39 -6.62
N GLU A 177 -14.85 13.58 -6.23
CA GLU A 177 -15.62 14.80 -6.48
C GLU A 177 -15.46 15.25 -7.91
N GLY A 178 -14.63 14.55 -8.69
CA GLY A 178 -14.37 14.89 -10.08
C GLY A 178 -13.35 16.00 -10.23
N SER A 179 -12.89 16.56 -9.12
CA SER A 179 -12.11 17.79 -9.12
C SER A 179 -10.70 17.57 -9.67
N ASN A 180 -9.99 18.69 -9.79
CA ASN A 180 -8.55 18.66 -10.00
C ASN A 180 -7.88 18.21 -8.71
N TYR A 181 -6.97 17.28 -8.87
CA TYR A 181 -6.24 16.72 -7.75
C TYR A 181 -4.81 16.54 -8.15
N SER A 182 -4.00 16.35 -7.13
CA SER A 182 -2.57 16.29 -7.24
C SER A 182 -2.10 15.07 -6.51
N GLU A 183 -0.77 14.92 -6.50
CA GLU A 183 -0.05 13.93 -5.72
C GLU A 183 -0.49 13.82 -4.27
N LYS A 184 -1.15 14.84 -3.72
CA LYS A 184 -1.74 14.77 -2.38
C LYS A 184 -2.89 13.78 -2.20
N CYS A 185 -3.32 13.15 -3.31
CA CYS A 185 -4.41 12.19 -3.17
C CYS A 185 -3.85 10.93 -2.50
N ASP A 186 -2.67 10.52 -2.93
CA ASP A 186 -1.84 9.51 -2.30
C ASP A 186 -1.56 9.72 -0.79
N VAL A 187 -1.41 10.95 -0.37
CA VAL A 187 -1.04 11.22 1.02
C VAL A 187 -2.27 10.85 1.86
N PHE A 188 -3.42 11.22 1.36
CA PHE A 188 -4.72 10.84 1.92
C PHE A 188 -4.83 9.33 2.11
N SER A 189 -4.53 8.56 1.05
CA SER A 189 -4.65 7.11 1.10
C SER A 189 -3.65 6.57 2.14
N TRP A 190 -2.43 7.09 2.08
CA TRP A 190 -1.37 6.67 2.98
C TRP A 190 -1.86 6.72 4.42
N GLY A 191 -2.51 7.81 4.76
CA GLY A 191 -3.00 7.98 6.15
C GLY A 191 -4.07 7.02 6.57
N ILE A 192 -4.95 6.63 5.61
CA ILE A 192 -6.03 5.72 5.86
C ILE A 192 -5.38 4.37 6.16
N ILE A 193 -4.39 4.03 5.35
CA ILE A 193 -3.65 2.86 5.55
C ILE A 193 -2.90 2.80 6.92
N LEU A 194 -2.32 3.92 7.35
CA LEU A 194 -1.60 3.97 8.61
C LEU A 194 -2.58 3.57 9.67
N TRP A 195 -3.77 4.13 9.60
CA TRP A 195 -4.87 3.81 10.56
C TRP A 195 -5.25 2.33 10.52
N GLU A 196 -5.22 1.76 9.32
CA GLU A 196 -5.65 0.40 9.10
C GLU A 196 -4.63 -0.58 9.70
N VAL A 197 -3.33 -0.40 9.48
CA VAL A 197 -2.31 -1.25 10.08
C VAL A 197 -2.32 -1.10 11.65
N ILE A 198 -2.53 0.08 12.14
CA ILE A 198 -2.53 0.24 13.62
C ILE A 198 -3.67 -0.52 14.19
N THR A 199 -4.84 -0.36 13.61
CA THR A 199 -6.10 -0.96 14.16
C THR A 199 -6.38 -2.38 13.77
N ARG A 200 -5.75 -2.88 12.70
CA ARG A 200 -6.19 -4.12 12.07
C ARG A 200 -7.70 -4.18 11.76
N ARG A 201 -8.26 -3.05 11.34
CA ARG A 201 -9.66 -2.98 10.93
C ARG A 201 -9.76 -2.41 9.56
N LYS A 202 -10.84 -2.75 8.88
CA LYS A 202 -11.10 -2.28 7.52
C LYS A 202 -11.71 -0.91 7.60
N PRO A 203 -11.12 0.05 6.86
CA PRO A 203 -11.67 1.41 6.99
C PRO A 203 -13.14 1.47 6.53
N PHE A 204 -14.02 2.09 7.32
CA PHE A 204 -15.42 2.26 6.92
C PHE A 204 -16.15 0.93 6.62
N ASP A 205 -15.87 -0.10 7.42
CA ASP A 205 -16.50 -1.40 7.20
C ASP A 205 -17.93 -1.44 7.73
N GLU A 206 -18.13 -0.81 8.88
CA GLU A 206 -19.44 -0.54 9.46
C GLU A 206 -20.46 0.15 8.51
N ILE A 207 -19.98 1.08 7.68
CA ILE A 207 -20.84 1.73 6.68
C ILE A 207 -21.22 0.72 5.60
N GLY A 208 -20.21 0.19 4.92
CA GLY A 208 -20.41 -0.76 3.84
C GLY A 208 -21.35 -0.23 2.77
N GLY A 209 -22.50 -0.88 2.62
CA GLY A 209 -23.41 -0.59 1.52
C GLY A 209 -22.74 -0.91 0.18
N PRO A 210 -23.01 -0.09 -0.84
CA PRO A 210 -22.11 0.00 -2.00
C PRO A 210 -21.24 1.27 -1.92
N ALA A 211 -20.26 1.36 -2.83
CA ALA A 211 -19.24 2.44 -2.82
C ALA A 211 -19.77 3.83 -2.46
N PHE A 212 -20.89 4.20 -3.07
CA PHE A 212 -21.42 5.54 -2.96
C PHE A 212 -21.77 5.93 -1.52
N ARG A 213 -22.02 4.96 -0.67
CA ARG A 213 -22.34 5.28 0.73
C ARG A 213 -21.07 5.75 1.47
N ILE A 214 -19.95 5.18 1.10
CA ILE A 214 -18.65 5.58 1.68
C ILE A 214 -18.24 6.96 1.13
N MET A 215 -18.37 7.12 -0.20
CA MET A 215 -18.09 8.40 -0.84
C MET A 215 -18.89 9.52 -0.24
N TRP A 216 -20.17 9.27 -0.06
CA TRP A 216 -21.00 10.25 0.59
C TRP A 216 -20.34 10.63 1.90
N ALA A 217 -20.06 9.61 2.70
CA ALA A 217 -19.58 9.78 4.08
C ALA A 217 -18.29 10.61 4.18
N VAL A 218 -17.33 10.26 3.33
CA VAL A 218 -16.02 10.90 3.35
C VAL A 218 -16.15 12.36 2.90
N HIS A 219 -16.89 12.55 1.80
CA HIS A 219 -17.19 13.87 1.23
C HIS A 219 -17.78 14.78 2.28
N ASN A 220 -18.63 14.22 3.13
CA ASN A 220 -19.13 14.95 4.29
C ASN A 220 -18.20 15.02 5.53
N GLY A 221 -16.91 14.70 5.37
CA GLY A 221 -15.94 14.85 6.45
C GLY A 221 -15.72 13.66 7.38
N THR A 222 -16.40 12.55 7.17
CA THR A 222 -16.25 11.37 8.01
C THR A 222 -14.87 10.78 7.79
N ARG A 223 -14.23 10.37 8.87
CA ARG A 223 -12.91 9.80 8.76
C ARG A 223 -12.90 8.62 9.68
N PRO A 224 -11.88 7.74 9.55
CA PRO A 224 -11.84 6.64 10.50
C PRO A 224 -11.76 7.14 11.93
N PRO A 225 -12.31 6.38 12.87
CA PRO A 225 -12.28 6.85 14.25
C PRO A 225 -10.88 6.93 14.87
N LEU A 226 -10.76 7.82 15.84
CA LEU A 226 -9.51 8.00 16.55
C LEU A 226 -9.17 6.73 17.33
N ILE A 227 -7.88 6.60 17.62
CA ILE A 227 -7.31 5.37 18.11
C ILE A 227 -6.89 5.61 19.54
N LYS A 228 -7.35 4.76 20.45
CA LYS A 228 -7.13 4.99 21.88
C LYS A 228 -5.65 4.81 22.20
N ASN A 229 -5.10 5.69 23.03
CA ASN A 229 -3.69 5.58 23.45
C ASN A 229 -2.68 5.82 22.34
N LEU A 230 -3.10 6.42 21.21
CA LEU A 230 -2.19 6.53 20.06
C LEU A 230 -1.23 7.67 20.37
N PRO A 231 0.09 7.50 20.17
CA PRO A 231 0.98 8.66 20.41
C PRO A 231 0.61 9.90 19.55
N LYS A 232 0.50 11.04 20.22
CA LYS A 232 0.12 12.31 19.60
C LYS A 232 0.88 12.66 18.32
N PRO A 233 2.18 12.41 18.28
CA PRO A 233 2.88 12.60 17.03
C PRO A 233 2.32 11.77 15.86
N ILE A 234 1.93 10.52 16.16
CA ILE A 234 1.27 9.68 15.17
C ILE A 234 -0.13 10.19 14.94
N GLU A 235 -0.86 10.54 15.98
CA GLU A 235 -2.16 11.12 15.72
C GLU A 235 -2.16 12.35 14.79
N SER A 236 -1.17 13.23 14.93
CA SER A 236 -1.12 14.43 14.13
C SER A 236 -0.74 14.12 12.70
N LEU A 237 0.22 13.23 12.55
CA LEU A 237 0.60 12.86 11.15
C LEU A 237 -0.63 12.34 10.40
N MET A 238 -1.38 11.46 11.08
CA MET A 238 -2.43 10.67 10.48
C MET A 238 -3.57 11.58 10.10
N THR A 239 -4.08 12.35 11.07
CA THR A 239 -5.15 13.25 10.80
C THR A 239 -4.83 14.42 9.86
N ARG A 240 -3.57 14.85 9.76
CA ARG A 240 -3.21 15.84 8.71
C ARG A 240 -3.16 15.21 7.33
N CYS A 241 -2.81 13.93 7.26
CA CYS A 241 -2.93 13.23 6.01
C CYS A 241 -4.37 13.19 5.51
N TRP A 242 -5.37 13.27 6.40
CA TRP A 242 -6.78 13.09 6.11
CA TRP A 242 -6.69 13.10 5.84
C TRP A 242 -7.55 14.37 5.85
N SER A 243 -6.86 15.52 5.95
CA SER A 243 -7.51 16.82 5.74
C SER A 243 -8.24 16.89 4.39
N LYS A 244 -9.40 17.54 4.43
CA LYS A 244 -10.20 17.82 3.24
C LYS A 244 -9.37 18.57 2.21
N ASP A 245 -8.83 19.69 2.64
CA ASP A 245 -8.00 20.55 1.84
C ASP A 245 -6.67 19.85 1.55
N PRO A 246 -6.44 19.44 0.30
CA PRO A 246 -5.19 18.78 -0.04
C PRO A 246 -3.86 19.57 0.22
N SER A 247 -3.95 20.89 0.20
CA SER A 247 -2.79 21.74 0.53
C SER A 247 -2.36 21.66 2.04
N GLN A 248 -3.31 21.36 2.92
CA GLN A 248 -3.01 21.07 4.34
C GLN A 248 -2.37 19.69 4.66
N ARG A 249 -2.26 18.79 3.67
CA ARG A 249 -1.69 17.47 3.86
C ARG A 249 -0.23 17.56 3.61
N PRO A 250 0.58 16.77 4.35
CA PRO A 250 1.99 16.91 4.20
C PRO A 250 2.47 16.28 2.91
N SER A 251 3.62 16.69 2.48
CA SER A 251 4.24 16.03 1.33
C SER A 251 4.65 14.63 1.77
N MET A 252 4.81 13.74 0.82
CA MET A 252 5.34 12.43 1.10
C MET A 252 6.74 12.50 1.66
N GLU A 253 7.60 13.42 1.17
CA GLU A 253 8.95 13.60 1.72
C GLU A 253 8.88 13.95 3.23
N GLU A 254 7.97 14.83 3.63
CA GLU A 254 7.85 15.14 5.05
C GLU A 254 7.54 13.86 5.80
N ILE A 255 6.52 13.13 5.36
CA ILE A 255 6.16 11.83 5.92
C ILE A 255 7.30 10.89 6.06
N VAL A 256 8.06 10.67 4.98
CA VAL A 256 9.12 9.79 5.09
C VAL A 256 10.15 10.19 6.16
N LYS A 257 10.50 11.46 6.20
CA LYS A 257 11.36 11.98 7.27
C LYS A 257 10.75 11.78 8.68
N ILE A 258 9.49 12.07 8.84
CA ILE A 258 8.87 11.88 10.16
C ILE A 258 8.84 10.38 10.53
N MET A 259 8.41 9.51 9.59
CA MET A 259 8.34 8.10 9.89
C MET A 259 9.74 7.57 10.20
N THR A 260 10.72 8.04 9.45
CA THR A 260 12.10 7.58 9.63
C THR A 260 12.56 7.90 11.04
N HIS A 261 12.31 9.11 11.49
CA HIS A 261 12.68 9.51 12.83
C HIS A 261 11.91 8.77 13.90
N LEU A 262 10.68 8.41 13.59
CA LEU A 262 9.89 7.64 14.51
C LEU A 262 10.38 6.23 14.76
N MET A 263 11.06 5.61 13.76
CA MET A 263 11.40 4.23 13.85
C MET A 263 12.31 3.93 15.06
N ARG A 264 13.15 4.86 15.45
CA ARG A 264 14.00 4.68 16.61
C ARG A 264 13.20 4.24 17.87
N TYR A 265 11.92 4.58 17.94
CA TYR A 265 11.06 4.09 19.00
C TYR A 265 10.26 2.82 18.61
N PHE A 266 10.63 2.16 17.51
CA PHE A 266 9.92 0.99 17.05
C PHE A 266 10.92 -0.03 16.54
N PRO A 267 11.77 -0.56 17.42
CA PRO A 267 12.67 -1.61 16.99
C PRO A 267 11.90 -2.92 16.75
N GLY A 268 12.44 -3.76 15.87
CA GLY A 268 11.84 -5.05 15.59
C GLY A 268 11.06 -5.20 14.27
N ALA A 269 11.08 -4.18 13.41
CA ALA A 269 10.52 -4.28 12.06
C ALA A 269 11.04 -5.48 11.31
N ASP A 270 12.27 -5.90 11.62
CA ASP A 270 12.94 -6.95 10.79
C ASP A 270 12.62 -8.38 11.24
N GLU A 271 11.85 -8.54 12.34
CA GLU A 271 11.33 -9.86 12.70
C GLU A 271 10.30 -10.39 11.64
N PRO A 272 10.54 -11.60 11.06
CA PRO A 272 9.52 -12.23 10.22
C PRO A 272 8.23 -12.47 10.94
N LEU A 273 7.11 -12.51 10.21
CA LEU A 273 5.81 -12.90 10.72
C LEU A 273 5.82 -14.41 10.90
N GLN A 274 5.89 -14.88 12.12
CA GLN A 274 6.04 -16.34 12.38
C GLN A 274 5.11 -16.82 13.44
N TYR A 275 4.59 -15.89 14.23
CA TYR A 275 3.69 -16.24 15.30
C TYR A 275 2.25 -16.13 14.91
N PRO A 276 1.47 -17.10 15.35
CA PRO A 276 0.04 -17.19 15.09
C PRO A 276 -0.73 -16.22 15.96
N CYS A 277 -1.92 -15.88 15.52
CA CYS A 277 -2.75 -14.96 16.25
C CYS A 277 -4.20 -15.31 16.03
N GLN A 278 -5.02 -15.13 17.06
CA GLN A 278 -6.45 -15.31 16.93
C GLN A 278 -6.89 -14.04 17.59
N HIS A 279 -7.50 -13.13 16.84
CA HIS A 279 -7.89 -11.88 17.46
C HIS A 279 -9.34 -11.50 17.37
N SER A 280 -9.89 -11.22 18.54
CA SER A 280 -11.26 -10.81 18.71
C SER A 280 -11.39 -9.42 18.15
N LEU A 281 -12.51 -9.15 17.50
CA LEU A 281 -12.70 -7.81 16.99
C LEU A 281 -13.87 -7.13 17.63
N PRO A 282 -13.59 -6.30 18.63
CA PRO A 282 -14.70 -5.52 19.23
C PRO A 282 -15.55 -4.72 18.22
N ASP A 286 -16.73 1.51 17.49
CA ASP A 286 -17.44 2.65 18.10
C ASP A 286 -16.81 4.01 17.69
N GLY A 287 -16.26 4.75 18.65
CA GLY A 287 -15.90 6.16 18.49
C GLY A 287 -14.40 6.36 18.60
N ARG A 288 -13.83 5.82 19.69
CA ARG A 288 -12.39 5.62 19.84
C ARG A 288 -12.07 4.12 19.87
N VAL A 289 -11.56 3.57 18.78
CA VAL A 289 -11.13 2.15 18.74
C VAL A 289 -9.81 1.89 19.47
N GLU A 290 -9.67 0.66 19.94
CA GLU A 290 -8.42 0.17 20.50
C GLU A 290 -7.50 -0.09 19.35
N PRO A 291 -6.21 0.08 19.57
CA PRO A 291 -5.29 -0.40 18.55
C PRO A 291 -5.08 -1.92 18.67
N TYR A 292 -4.74 -2.53 17.55
CA TYR A 292 -4.33 -3.92 17.52
C TYR A 292 -2.90 -4.03 17.98
N VAL A 293 -2.03 -3.17 17.47
CA VAL A 293 -0.63 -3.09 17.97
C VAL A 293 -0.56 -2.43 19.32
N ASP A 294 0.55 -2.62 20.02
CA ASP A 294 0.74 -2.07 21.38
CA ASP A 294 0.74 -2.07 21.36
C ASP A 294 1.76 -0.95 21.32
N PHE A 295 1.43 0.16 21.98
CA PHE A 295 2.32 1.32 22.07
C PHE A 295 3.15 1.46 23.38
N ALA A 296 2.92 0.61 24.39
CA ALA A 296 3.67 0.68 25.67
C ALA A 296 5.20 0.75 25.48
N GLU A 297 5.77 -0.03 24.57
CA GLU A 297 7.18 0.01 24.44
C GLU A 297 7.63 1.37 23.84
N PHE A 298 6.83 1.92 22.93
CA PHE A 298 7.16 3.19 22.33
C PHE A 298 7.24 4.28 23.48
N TYR A 299 6.20 4.32 24.28
CA TYR A 299 6.16 5.26 25.40
C TYR A 299 7.41 5.08 26.26
N ARG A 300 7.72 3.86 26.61
CA ARG A 300 8.93 3.59 27.39
C ARG A 300 10.18 4.16 26.73
N LEU A 301 10.43 3.77 25.49
CA LEU A 301 11.58 4.27 24.77
C LEU A 301 11.54 5.79 24.64
N TRP A 302 10.36 6.37 24.43
CA TRP A 302 10.32 7.80 24.26
C TRP A 302 10.77 8.50 25.55
N SER A 303 10.15 8.15 26.67
CA SER A 303 10.54 8.73 27.96
C SER A 303 12.02 8.50 28.31
N VAL A 304 12.63 7.45 27.78
CA VAL A 304 14.05 7.23 28.02
C VAL A 304 14.87 8.33 27.39
N ASP A 305 14.67 8.56 26.10
CA ASP A 305 15.32 9.67 25.37
C ASP A 305 14.97 11.05 25.86
N HIS A 306 13.76 11.25 26.36
CA HIS A 306 13.25 12.55 26.82
C HIS A 306 13.13 12.59 28.35
N GLY A 307 14.26 12.50 29.06
CA GLY A 307 14.27 12.42 30.54
C GLY A 307 15.33 13.30 31.19
#